data_1U8N
#
_entry.id   1U8N
#
_cell.length_a   57.900
_cell.length_b   65.200
_cell.length_c   175.800
_cell.angle_alpha   90.00
_cell.angle_beta   90.00
_cell.angle_gamma   90.00
#
_symmetry.space_group_name_H-M   'P 21 21 21'
#
loop_
_entity.id
_entity.type
_entity.pdbx_description
1 polymer 'ANTIBODY 2F5 (LIGHT CHAIN)'
2 polymer 'ANTIBODY 2F5 (HEAVY CHAIN)'
3 polymer 'GP41 PEPTIDE'
4 water water
#
loop_
_entity_poly.entity_id
_entity_poly.type
_entity_poly.pdbx_seq_one_letter_code
_entity_poly.pdbx_strand_id
1 'polypeptide(L)'
;ALQLTQSPSSLSASVGDRITITCRASQGVTSALAWYRQKPGSPPQLLIYDASSLESGVPSRFSGSGSGTEFTLTISTLRP
EDFATYYCQQLHFYPHTFGGGTRVDVRRTVAAPSVFIFPPSDEQLKSGTASVVCLLNNFYPREAKVQWKVDNALQSGNSQ
ESVTEQDSKDSTYSLSSTLTLSKADYEKHKVYECEVTHQGLSSPVTKSFNRGEC
;
A
2 'polypeptide(L)'
;RITLKESGPPLVKPTQTLTLTCSFSGFSLSDFGVGVGWIRQPPGKALEWLAIIYSDDDKRYSPSLNTRLTITKDTSKNQV
VLVMTRVSPVDTATYFCAHRRGPTTLFGVPIARGPVNAMDVWGQGITVTISSTSTKGPSVFPLAPSSKSTAGAAAALGCL
VKDYFPEPVTVSWNSGALTSGVHTFPAVLQSSGLYSLSSVVTVPSSSLGTQTYTCNVNHKPSNTKVDKRVEPKSC
;
B
3 'polypeptide(L)' ELDKFAS C
#
# COMPACT_ATOMS: atom_id res chain seq x y z
N ALA A 1 11.59 9.25 18.53
CA ALA A 1 11.83 10.50 17.75
C ALA A 1 10.60 11.39 17.53
N LEU A 2 10.82 12.41 16.70
CA LEU A 2 9.83 13.40 16.30
C LEU A 2 8.65 12.72 15.64
N GLN A 3 7.45 13.13 16.02
CA GLN A 3 6.24 12.55 15.48
C GLN A 3 5.52 13.55 14.58
N LEU A 4 5.02 13.10 13.44
CA LEU A 4 4.24 13.92 12.50
C LEU A 4 2.90 13.23 12.34
N THR A 5 1.85 13.87 12.81
CA THR A 5 0.52 13.28 12.74
C THR A 5 -0.35 13.97 11.71
N GLN A 6 -0.84 13.27 10.68
CA GLN A 6 -1.72 13.93 9.68
C GLN A 6 -3.17 13.79 10.06
N SER A 7 -4.01 14.76 9.70
CA SER A 7 -5.44 14.63 9.95
C SER A 7 -6.16 15.22 8.76
N PRO A 8 -7.25 14.55 8.30
CA PRO A 8 -7.72 13.30 8.88
C PRO A 8 -6.91 12.24 8.17
N SER A 9 -6.98 11.00 8.64
CA SER A 9 -6.23 9.97 7.96
C SER A 9 -6.91 9.67 6.60
N SER A 10 -8.22 9.82 6.53
CA SER A 10 -8.97 9.55 5.30
C SER A 10 -10.01 10.66 5.14
N LEU A 11 -10.37 11.00 3.91
CA LEU A 11 -11.29 12.11 3.72
C LEU A 11 -12.03 11.91 2.45
N SER A 12 -13.35 12.12 2.46
CA SER A 12 -14.13 11.95 1.21
C SER A 12 -14.49 13.33 0.65
N ALA A 13 -14.56 13.45 -0.67
CA ALA A 13 -14.85 14.75 -1.26
C ALA A 13 -15.31 14.61 -2.68
N SER A 14 -15.77 15.70 -3.27
CA SER A 14 -16.20 15.64 -4.64
C SER A 14 -15.46 16.68 -5.45
N VAL A 15 -15.42 16.51 -6.77
CA VAL A 15 -14.76 17.44 -7.66
C VAL A 15 -15.37 18.83 -7.38
N GLY A 16 -14.50 19.83 -7.26
CA GLY A 16 -14.95 21.17 -6.96
C GLY A 16 -14.87 21.46 -5.48
N ASP A 17 -14.74 20.48 -4.60
CA ASP A 17 -14.67 20.88 -3.20
C ASP A 17 -13.33 21.55 -2.80
N ARG A 18 -13.33 22.15 -1.61
CA ARG A 18 -12.17 22.75 -1.05
C ARG A 18 -11.83 21.83 0.08
N ILE A 19 -10.62 21.30 0.14
CA ILE A 19 -10.28 20.44 1.25
C ILE A 19 -9.04 20.95 1.93
N THR A 20 -8.85 20.59 3.18
CA THR A 20 -7.65 21.03 3.81
C THR A 20 -7.25 19.87 4.65
N ILE A 21 -5.94 19.55 4.58
CA ILE A 21 -5.33 18.43 5.27
C ILE A 21 -4.38 19.09 6.26
N THR A 22 -4.28 18.57 7.47
CA THR A 22 -3.37 19.21 8.39
C THR A 22 -2.29 18.25 8.93
N CYS A 23 -1.15 18.77 9.34
CA CYS A 23 -0.06 17.93 9.81
C CYS A 23 0.53 18.61 11.03
N ARG A 24 0.64 17.89 12.13
CA ARG A 24 1.14 18.45 13.39
C ARG A 24 2.39 17.72 13.83
N ALA A 25 3.39 18.48 14.24
CA ALA A 25 4.65 17.88 14.67
C ALA A 25 4.78 17.90 16.19
N SER A 26 5.43 16.88 16.75
CA SER A 26 5.59 16.80 18.21
C SER A 26 6.53 17.85 18.80
N GLN A 27 7.44 18.38 18.00
CA GLN A 27 8.40 19.44 18.38
C GLN A 27 8.42 20.37 17.16
N GLY A 28 8.78 21.63 17.34
CA GLY A 28 8.78 22.58 16.22
C GLY A 28 9.78 22.23 15.14
N VAL A 29 9.37 22.32 13.89
CA VAL A 29 10.22 22.03 12.74
C VAL A 29 10.43 23.30 11.89
N THR A 30 10.21 24.46 12.49
CA THR A 30 10.35 25.74 11.79
C THR A 30 9.53 25.68 10.51
N SER A 31 10.07 26.07 9.36
CA SER A 31 9.32 26.01 8.11
C SER A 31 9.76 24.82 7.22
N ALA A 32 10.56 23.91 7.78
CA ALA A 32 11.10 22.81 6.98
C ALA A 32 10.11 21.65 6.84
N LEU A 33 9.12 21.88 6.00
CA LEU A 33 8.08 20.91 5.82
C LEU A 33 7.62 20.90 4.39
N ALA A 34 7.39 19.71 3.86
CA ALA A 34 7.00 19.62 2.48
C ALA A 34 5.73 18.79 2.32
N TRP A 35 4.91 19.11 1.31
CA TRP A 35 3.72 18.32 1.03
C TRP A 35 3.84 17.62 -0.28
N TYR A 36 3.32 16.41 -0.36
CA TYR A 36 3.36 15.61 -1.60
C TYR A 36 2.00 14.98 -1.88
N ARG A 37 1.76 14.72 -3.15
CA ARG A 37 0.56 14.05 -3.56
C ARG A 37 1.06 12.76 -4.24
N GLN A 38 0.46 11.63 -3.92
CA GLN A 38 0.89 10.39 -4.56
C GLN A 38 -0.32 9.67 -5.10
N LYS A 39 -0.32 9.46 -6.40
CA LYS A 39 -1.40 8.77 -7.04
C LYS A 39 -1.06 7.30 -7.05
N PRO A 40 -2.09 6.44 -7.05
CA PRO A 40 -1.80 4.99 -7.06
C PRO A 40 -0.80 4.61 -8.17
N GLY A 41 0.11 3.70 -7.83
CA GLY A 41 1.11 3.24 -8.78
C GLY A 41 2.23 4.22 -9.17
N SER A 42 2.21 5.44 -8.63
CA SER A 42 3.23 6.41 -8.97
C SER A 42 4.03 6.89 -7.77
N PRO A 43 5.17 7.55 -8.01
CA PRO A 43 5.97 8.05 -6.88
C PRO A 43 5.31 9.31 -6.31
N PRO A 44 5.67 9.70 -5.10
CA PRO A 44 5.06 10.93 -4.55
C PRO A 44 5.49 12.11 -5.44
N GLN A 45 4.68 13.16 -5.54
CA GLN A 45 5.08 14.33 -6.31
C GLN A 45 5.04 15.53 -5.38
N LEU A 46 6.11 16.31 -5.41
CA LEU A 46 6.26 17.52 -4.59
C LEU A 46 5.21 18.59 -4.97
N LEU A 47 4.47 19.10 -4.01
CA LEU A 47 3.49 20.15 -4.25
C LEU A 47 3.98 21.46 -3.66
N ILE A 48 4.35 21.42 -2.38
CA ILE A 48 4.74 22.58 -1.57
C ILE A 48 6.01 22.26 -0.80
N TYR A 49 6.99 23.16 -0.89
CA TYR A 49 8.25 23.02 -0.15
C TYR A 49 8.41 24.18 0.83
N ASP A 50 9.19 23.98 1.88
CA ASP A 50 9.42 25.05 2.85
C ASP A 50 8.09 25.60 3.38
N ALA A 51 7.18 24.68 3.76
CA ALA A 51 5.81 25.00 4.32
C ALA A 51 4.82 25.75 3.46
N SER A 52 5.29 26.70 2.65
CA SER A 52 4.32 27.42 1.88
C SER A 52 4.72 27.76 0.46
N SER A 53 5.94 27.44 0.02
CA SER A 53 6.33 27.83 -1.36
C SER A 53 5.73 26.87 -2.39
N LEU A 54 5.17 27.41 -3.48
CA LEU A 54 4.56 26.58 -4.47
C LEU A 54 5.64 26.02 -5.37
N GLU A 55 5.70 24.71 -5.50
CA GLU A 55 6.72 24.10 -6.35
C GLU A 55 6.42 24.44 -7.80
N SER A 56 7.49 24.66 -8.57
CA SER A 56 7.36 25.02 -9.96
C SER A 56 6.61 23.98 -10.81
N GLY A 57 5.58 24.44 -11.52
CA GLY A 57 4.83 23.53 -12.36
C GLY A 57 3.66 22.92 -11.65
N VAL A 58 3.52 23.24 -10.35
CA VAL A 58 2.40 22.71 -9.58
C VAL A 58 1.24 23.70 -9.69
N PRO A 59 0.03 23.19 -9.97
CA PRO A 59 -1.14 24.09 -10.10
C PRO A 59 -1.46 24.93 -8.89
N SER A 60 -1.88 26.16 -9.18
CA SER A 60 -2.16 27.13 -8.14
C SER A 60 -3.27 26.77 -7.16
N ARG A 61 -4.14 25.82 -7.46
CA ARG A 61 -5.16 25.47 -6.46
C ARG A 61 -4.55 24.88 -5.20
N PHE A 62 -3.26 24.53 -5.25
CA PHE A 62 -2.63 23.94 -4.06
C PHE A 62 -2.00 25.03 -3.25
N SER A 63 -2.22 24.98 -1.96
CA SER A 63 -1.66 25.99 -1.10
C SER A 63 -1.19 25.42 0.22
N GLY A 64 -0.06 25.91 0.72
CA GLY A 64 0.36 25.45 2.03
C GLY A 64 0.65 26.61 2.98
N SER A 65 0.28 26.48 4.25
CA SER A 65 0.56 27.48 5.25
C SER A 65 0.94 26.84 6.61
N GLY A 66 1.39 27.68 7.55
CA GLY A 66 1.80 27.22 8.87
C GLY A 66 3.31 27.14 9.03
N SER A 67 3.76 27.03 10.28
CA SER A 67 5.18 26.90 10.67
C SER A 67 5.23 26.38 12.12
N GLY A 68 6.39 25.93 12.62
CA GLY A 68 6.42 25.43 14.00
C GLY A 68 5.90 24.00 14.14
N THR A 69 4.70 23.84 14.69
CA THR A 69 4.13 22.52 14.88
C THR A 69 2.85 22.25 14.15
N GLU A 70 2.31 23.23 13.45
CA GLU A 70 1.05 22.98 12.77
C GLU A 70 1.03 23.49 11.34
N PHE A 71 0.75 22.61 10.37
CA PHE A 71 0.74 22.95 8.98
C PHE A 71 -0.52 22.44 8.32
N THR A 72 -0.89 23.10 7.25
CA THR A 72 -2.07 22.76 6.49
C THR A 72 -1.82 22.90 4.98
N LEU A 73 -2.43 22.00 4.24
CA LEU A 73 -2.38 21.98 2.79
C LEU A 73 -3.84 22.19 2.39
N THR A 74 -4.13 23.11 1.50
CA THR A 74 -5.49 23.17 1.10
C THR A 74 -5.52 23.12 -0.39
N ILE A 75 -6.49 22.41 -0.92
CA ILE A 75 -6.64 22.34 -2.35
C ILE A 75 -7.94 23.13 -2.45
N SER A 76 -7.93 24.22 -3.20
CA SER A 76 -9.11 25.07 -3.22
C SER A 76 -10.26 24.53 -4.07
N THR A 77 -9.97 23.97 -5.24
CA THR A 77 -10.99 23.39 -6.11
C THR A 77 -10.52 21.99 -6.54
N LEU A 78 -10.92 20.95 -5.79
CA LEU A 78 -10.50 19.57 -6.11
C LEU A 78 -10.77 19.14 -7.53
N ARG A 79 -9.75 18.62 -8.21
CA ARG A 79 -9.87 18.13 -9.59
C ARG A 79 -9.80 16.57 -9.52
N PRO A 80 -10.26 15.83 -10.56
CA PRO A 80 -10.21 14.37 -10.52
C PRO A 80 -8.84 13.76 -10.19
N GLU A 81 -7.77 14.36 -10.69
CA GLU A 81 -6.44 13.84 -10.38
C GLU A 81 -6.03 14.01 -8.92
N ASP A 82 -6.83 14.71 -8.11
CA ASP A 82 -6.49 14.93 -6.72
C ASP A 82 -6.98 13.85 -5.78
N PHE A 83 -7.69 12.86 -6.33
CA PHE A 83 -8.19 11.76 -5.52
C PHE A 83 -6.91 10.97 -5.39
N ALA A 84 -6.37 10.96 -4.19
CA ALA A 84 -5.07 10.35 -4.05
C ALA A 84 -4.74 10.38 -2.59
N THR A 85 -3.49 10.04 -2.27
CA THR A 85 -3.02 10.07 -0.88
C THR A 85 -1.96 11.19 -0.76
N TYR A 86 -2.09 12.01 0.27
CA TYR A 86 -1.19 13.12 0.50
C TYR A 86 -0.31 12.86 1.70
N TYR A 87 0.95 13.29 1.60
CA TYR A 87 1.86 13.12 2.73
C TYR A 87 2.58 14.40 3.10
N CYS A 88 2.86 14.62 4.38
CA CYS A 88 3.70 15.78 4.73
C CYS A 88 5.04 15.15 5.16
N GLN A 89 6.13 15.92 5.05
CA GLN A 89 7.49 15.49 5.44
C GLN A 89 8.23 16.63 6.15
N GLN A 90 8.83 16.30 7.25
CA GLN A 90 9.56 17.23 8.07
C GLN A 90 11.05 17.06 7.66
N LEU A 91 11.81 18.16 7.50
CA LEU A 91 13.23 18.12 7.17
C LEU A 91 14.14 18.97 8.08
N HIS A 92 13.65 19.24 9.27
CA HIS A 92 14.38 20.03 10.28
C HIS A 92 15.29 19.18 11.15
N PHE A 93 14.82 17.95 11.46
CA PHE A 93 15.54 17.00 12.31
C PHE A 93 15.72 15.66 11.61
N TYR A 94 16.84 14.98 11.87
CA TYR A 94 17.06 13.65 11.31
C TYR A 94 16.49 12.72 12.35
N PRO A 95 15.79 11.67 11.92
CA PRO A 95 15.52 11.36 10.52
C PRO A 95 14.40 12.28 10.01
N HIS A 96 14.41 12.51 8.69
CA HIS A 96 13.45 13.35 7.97
C HIS A 96 12.06 12.71 7.81
N THR A 97 11.33 12.56 8.90
CA THR A 97 9.99 11.96 8.95
C THR A 97 8.87 12.31 8.00
N PHE A 98 8.05 11.32 7.73
CA PHE A 98 6.88 11.49 6.90
C PHE A 98 5.66 11.28 7.79
N GLY A 99 4.57 11.95 7.47
CA GLY A 99 3.34 11.72 8.21
C GLY A 99 2.70 10.41 7.72
N GLY A 100 1.61 10.00 8.36
CA GLY A 100 0.96 8.71 8.02
C GLY A 100 0.19 8.75 6.74
N GLY A 101 0.01 9.94 6.18
CA GLY A 101 -0.74 10.01 4.93
C GLY A 101 -2.24 10.27 5.10
N THR A 102 -2.87 10.95 4.15
CA THR A 102 -4.29 11.08 4.21
C THR A 102 -4.81 10.76 2.83
N ARG A 103 -5.73 9.80 2.78
CA ARG A 103 -6.35 9.29 1.55
C ARG A 103 -7.54 10.17 1.19
N VAL A 104 -7.62 10.65 -0.03
CA VAL A 104 -8.74 11.49 -0.39
C VAL A 104 -9.46 10.67 -1.45
N ASP A 105 -10.72 10.31 -1.20
CA ASP A 105 -11.46 9.50 -2.17
C ASP A 105 -12.85 10.12 -2.56
N VAL A 106 -13.48 9.59 -3.60
CA VAL A 106 -14.73 10.09 -4.13
C VAL A 106 -15.86 9.89 -3.10
N ARG A 107 -16.50 10.97 -2.67
CA ARG A 107 -17.59 10.81 -1.71
C ARG A 107 -18.83 10.23 -2.39
N ARG A 108 -19.61 9.46 -1.66
CA ARG A 108 -20.86 8.88 -2.18
C ARG A 108 -21.60 8.56 -0.92
N THR A 109 -22.85 8.10 -1.37
CA THR A 109 -23.71 7.81 -0.23
C THR A 109 -23.22 6.57 0.51
N VAL A 110 -23.40 6.59 2.11
CA VAL A 110 -23.01 5.46 2.90
C VAL A 110 -23.70 4.20 2.40
N ALA A 111 -22.93 3.11 2.29
CA ALA A 111 -23.46 1.84 1.87
C ALA A 111 -22.84 0.75 2.71
N ALA A 112 -23.69 -0.03 3.37
CA ALA A 112 -23.23 -1.13 4.22
C ALA A 112 -22.76 -2.26 3.33
N PRO A 113 -21.84 -3.07 3.83
CA PRO A 113 -21.36 -4.18 2.99
C PRO A 113 -22.32 -5.35 2.95
N SER A 114 -22.33 -6.10 1.86
CA SER A 114 -23.14 -7.33 1.79
C SER A 114 -22.04 -8.30 2.28
N VAL A 115 -22.32 -9.07 3.30
CA VAL A 115 -21.33 -9.97 3.86
C VAL A 115 -21.64 -11.42 3.53
N PHE A 116 -20.59 -12.19 3.21
CA PHE A 116 -20.69 -13.61 2.87
C PHE A 116 -19.53 -14.37 3.52
N ILE A 117 -19.79 -15.59 4.01
CA ILE A 117 -18.76 -16.41 4.61
C ILE A 117 -18.64 -17.70 3.83
N PHE A 118 -17.43 -18.10 3.50
CA PHE A 118 -17.20 -19.27 2.70
C PHE A 118 -16.41 -20.27 3.50
N PRO A 119 -16.91 -21.53 3.61
CA PRO A 119 -16.18 -22.55 4.36
C PRO A 119 -15.07 -23.09 3.48
N PRO A 120 -14.10 -23.78 4.05
CA PRO A 120 -13.05 -24.29 3.17
C PRO A 120 -13.56 -25.44 2.30
N SER A 121 -13.03 -25.54 1.08
CA SER A 121 -13.41 -26.61 0.18
C SER A 121 -12.85 -27.96 0.68
N ASP A 122 -13.58 -29.03 0.40
CA ASP A 122 -13.16 -30.37 0.76
C ASP A 122 -11.88 -30.62 0.05
N GLU A 123 -11.68 -30.01 -1.11
CA GLU A 123 -10.45 -30.22 -1.86
C GLU A 123 -9.26 -29.66 -1.08
N GLN A 124 -9.43 -28.47 -0.51
CA GLN A 124 -8.31 -27.89 0.26
C GLN A 124 -8.07 -28.76 1.50
N LEU A 125 -9.14 -29.07 2.22
CA LEU A 125 -9.02 -29.90 3.43
C LEU A 125 -8.15 -31.17 3.23
N LYS A 126 -8.30 -31.85 2.08
CA LYS A 126 -7.49 -33.04 1.79
C LYS A 126 -6.02 -32.73 1.75
N SER A 127 -5.66 -31.48 1.52
CA SER A 127 -4.24 -31.12 1.49
C SER A 127 -3.76 -30.76 2.88
N GLY A 128 -4.68 -30.79 3.84
CA GLY A 128 -4.29 -30.48 5.21
C GLY A 128 -4.45 -29.04 5.71
N THR A 129 -4.90 -28.13 4.86
CA THR A 129 -5.09 -26.76 5.33
C THR A 129 -6.55 -26.33 5.18
N ALA A 130 -6.97 -25.36 5.97
CA ALA A 130 -8.31 -24.90 5.92
C ALA A 130 -8.36 -23.38 5.85
N SER A 131 -8.91 -22.86 4.75
CA SER A 131 -9.07 -21.41 4.60
C SER A 131 -10.50 -20.99 4.71
N VAL A 132 -10.81 -20.08 5.63
CA VAL A 132 -12.16 -19.63 5.74
C VAL A 132 -12.11 -18.21 5.23
N VAL A 133 -12.91 -17.89 4.21
CA VAL A 133 -12.90 -16.53 3.68
C VAL A 133 -14.19 -15.79 3.93
N CYS A 134 -14.03 -14.50 4.22
CA CYS A 134 -15.17 -13.64 4.47
C CYS A 134 -15.11 -12.55 3.47
N LEU A 135 -16.25 -12.25 2.85
CA LEU A 135 -16.29 -11.18 1.87
C LEU A 135 -17.23 -10.06 2.31
N LEU A 136 -16.76 -8.82 2.21
CA LEU A 136 -17.53 -7.62 2.49
C LEU A 136 -17.57 -6.97 1.11
N ASN A 137 -18.76 -6.99 0.49
CA ASN A 137 -18.92 -6.48 -0.86
C ASN A 137 -19.55 -5.09 -1.04
N ASN A 138 -18.97 -4.26 -1.90
CA ASN A 138 -19.49 -2.91 -2.18
C ASN A 138 -19.96 -2.05 -0.98
N PHE A 139 -19.04 -1.61 -0.14
CA PHE A 139 -19.43 -0.77 0.99
C PHE A 139 -18.76 0.62 0.89
N TYR A 140 -19.16 1.53 1.76
CA TYR A 140 -18.60 2.91 1.79
C TYR A 140 -19.09 3.56 3.07
N PRO A 141 -18.21 4.27 3.80
CA PRO A 141 -16.81 4.52 3.52
C PRO A 141 -15.88 3.30 3.66
N ARG A 142 -14.60 3.50 3.29
CA ARG A 142 -13.64 2.43 3.32
C ARG A 142 -13.38 1.70 4.63
N GLU A 143 -13.42 2.39 5.76
CA GLU A 143 -13.12 1.73 7.00
C GLU A 143 -14.16 0.64 7.37
N ALA A 144 -13.66 -0.54 7.69
CA ALA A 144 -14.51 -1.66 8.04
C ALA A 144 -13.66 -2.47 8.97
N LYS A 145 -14.28 -3.22 9.88
CA LYS A 145 -13.56 -4.06 10.80
C LYS A 145 -14.17 -5.46 10.79
N VAL A 146 -13.29 -6.45 10.57
CA VAL A 146 -13.64 -7.83 10.50
C VAL A 146 -13.02 -8.52 11.68
N GLN A 147 -13.85 -9.29 12.40
CA GLN A 147 -13.39 -10.05 13.54
C GLN A 147 -13.78 -11.53 13.42
N TRP A 148 -12.80 -12.43 13.36
CA TRP A 148 -13.11 -13.84 13.26
C TRP A 148 -13.32 -14.43 14.64
N LYS A 149 -14.32 -15.31 14.75
CA LYS A 149 -14.61 -16.00 15.98
C LYS A 149 -14.82 -17.49 15.64
N VAL A 150 -14.23 -18.36 16.42
CA VAL A 150 -14.32 -19.79 16.25
C VAL A 150 -14.88 -20.31 17.60
N ASP A 151 -16.04 -20.97 17.60
CA ASP A 151 -16.63 -21.44 18.87
C ASP A 151 -16.50 -20.31 19.91
N ASN A 152 -16.81 -19.10 19.49
CA ASN A 152 -16.77 -17.91 20.32
C ASN A 152 -15.43 -17.39 20.76
N ALA A 153 -14.34 -18.03 20.34
CA ALA A 153 -13.03 -17.51 20.71
C ALA A 153 -12.67 -16.48 19.67
N LEU A 154 -12.19 -15.36 20.15
CA LEU A 154 -11.76 -14.25 19.30
C LEU A 154 -10.47 -14.68 18.60
N GLN A 155 -10.41 -14.59 17.28
CA GLN A 155 -9.19 -15.02 16.60
C GLN A 155 -8.19 -13.87 16.43
N SER A 156 -6.90 -14.20 16.44
CA SER A 156 -5.93 -13.16 16.26
C SER A 156 -4.63 -13.70 15.69
N GLY A 157 -4.06 -12.98 14.75
CA GLY A 157 -2.78 -13.39 14.17
C GLY A 157 -2.87 -14.48 13.13
N ASN A 158 -4.08 -14.94 12.81
CA ASN A 158 -4.21 -16.02 11.82
C ASN A 158 -5.10 -15.69 10.60
N SER A 159 -5.24 -14.39 10.31
CA SER A 159 -6.04 -13.96 9.18
C SER A 159 -5.32 -12.85 8.43
N GLN A 160 -5.70 -12.66 7.18
CA GLN A 160 -5.12 -11.60 6.36
C GLN A 160 -6.22 -11.07 5.51
N GLU A 161 -6.18 -9.77 5.23
CA GLU A 161 -7.19 -9.15 4.41
C GLU A 161 -6.58 -8.19 3.38
N SER A 162 -7.32 -7.98 2.29
CA SER A 162 -6.93 -7.02 1.29
C SER A 162 -8.23 -6.30 0.82
N VAL A 163 -8.08 -5.06 0.34
CA VAL A 163 -9.20 -4.22 -0.07
C VAL A 163 -9.02 -3.80 -1.52
N THR A 164 -10.07 -3.80 -2.33
CA THR A 164 -9.93 -3.34 -3.69
C THR A 164 -9.76 -1.81 -3.74
N GLU A 165 -9.36 -1.27 -4.86
CA GLU A 165 -9.27 0.18 -5.01
C GLU A 165 -10.74 0.65 -5.21
N GLN A 166 -11.02 1.92 -4.91
CA GLN A 166 -12.37 2.47 -5.05
C GLN A 166 -12.91 2.16 -6.41
N ASP A 167 -14.14 1.65 -6.52
CA ASP A 167 -14.67 1.31 -7.84
C ASP A 167 -14.95 2.58 -8.65
N SER A 168 -14.53 2.65 -9.91
CA SER A 168 -14.74 3.86 -10.72
C SER A 168 -16.22 4.17 -11.07
N LYS A 169 -17.12 3.21 -10.95
CA LYS A 169 -18.54 3.44 -11.24
C LYS A 169 -19.38 3.58 -9.94
N ASP A 170 -19.15 2.66 -9.01
CA ASP A 170 -19.79 2.53 -7.70
C ASP A 170 -19.34 3.52 -6.64
N SER A 171 -18.02 3.73 -6.63
CA SER A 171 -17.34 4.52 -5.59
C SER A 171 -17.31 3.72 -4.30
N THR A 172 -17.59 2.42 -4.38
CA THR A 172 -17.59 1.57 -3.17
C THR A 172 -16.27 0.76 -3.11
N TYR A 173 -16.03 0.10 -1.98
CA TYR A 173 -14.86 -0.76 -1.82
C TYR A 173 -15.36 -2.15 -1.48
N SER A 174 -14.50 -3.14 -1.65
CA SER A 174 -14.84 -4.51 -1.26
C SER A 174 -13.62 -5.03 -0.47
N LEU A 175 -13.87 -5.94 0.46
CA LEU A 175 -12.81 -6.45 1.29
C LEU A 175 -12.90 -7.98 1.45
N SER A 176 -11.76 -8.64 1.30
CA SER A 176 -11.66 -10.06 1.44
C SER A 176 -10.81 -10.39 2.64
N SER A 177 -11.30 -11.20 3.57
CA SER A 177 -10.48 -11.63 4.68
C SER A 177 -10.39 -13.17 4.77
N THR A 178 -9.16 -13.71 4.81
CA THR A 178 -8.93 -15.12 4.92
C THR A 178 -8.45 -15.58 6.31
N LEU A 179 -9.21 -16.48 6.97
CA LEU A 179 -8.80 -17.10 8.23
C LEU A 179 -8.13 -18.44 7.82
N THR A 180 -6.90 -18.70 8.27
CA THR A 180 -6.21 -19.92 7.91
C THR A 180 -5.88 -20.80 9.12
N LEU A 181 -6.23 -22.09 9.06
CA LEU A 181 -5.95 -22.99 10.16
C LEU A 181 -5.53 -24.31 9.60
N SER A 182 -4.82 -25.11 10.38
CA SER A 182 -4.51 -26.44 9.90
C SER A 182 -5.84 -27.25 9.82
N LYS A 183 -5.86 -28.29 9.01
CA LYS A 183 -7.04 -29.10 8.90
C LYS A 183 -7.35 -29.60 10.31
N ALA A 184 -6.31 -30.04 11.03
CA ALA A 184 -6.56 -30.54 12.39
C ALA A 184 -7.29 -29.57 13.29
N ASP A 185 -6.78 -28.35 13.44
CA ASP A 185 -7.43 -27.35 14.28
C ASP A 185 -8.82 -27.09 13.76
N TYR A 186 -8.93 -27.02 12.45
CA TYR A 186 -10.23 -26.76 11.87
C TYR A 186 -11.23 -27.75 12.41
N GLU A 187 -10.86 -29.01 12.38
CA GLU A 187 -11.73 -30.10 12.81
C GLU A 187 -12.09 -30.07 14.27
N LYS A 188 -11.32 -29.37 15.07
CA LYS A 188 -11.61 -29.33 16.49
C LYS A 188 -12.65 -28.30 16.90
N HIS A 189 -13.33 -27.67 15.96
CA HIS A 189 -14.31 -26.64 16.33
C HIS A 189 -15.53 -26.68 15.44
N LYS A 190 -16.60 -26.00 15.82
CA LYS A 190 -17.79 -26.04 14.97
C LYS A 190 -18.29 -24.72 14.39
N VAL A 191 -18.42 -23.70 15.22
CA VAL A 191 -18.95 -22.42 14.73
C VAL A 191 -17.88 -21.44 14.26
N TYR A 192 -17.82 -21.23 12.94
CA TYR A 192 -16.88 -20.32 12.31
C TYR A 192 -17.68 -19.08 11.97
N GLU A 193 -17.30 -17.94 12.56
CA GLU A 193 -18.02 -16.69 12.38
C GLU A 193 -17.16 -15.51 11.94
N CYS A 194 -17.71 -14.69 11.05
CA CYS A 194 -17.08 -13.48 10.56
C CYS A 194 -17.98 -12.31 11.05
N GLU A 195 -17.47 -11.54 12.01
CA GLU A 195 -18.21 -10.41 12.55
C GLU A 195 -17.78 -9.11 11.86
N VAL A 196 -18.73 -8.32 11.37
CA VAL A 196 -18.37 -7.13 10.63
C VAL A 196 -18.92 -5.83 11.19
N THR A 197 -18.05 -4.85 11.41
CA THR A 197 -18.48 -3.55 11.91
C THR A 197 -18.24 -2.53 10.81
N HIS A 198 -19.23 -1.67 10.59
CA HIS A 198 -19.12 -0.67 9.55
C HIS A 198 -20.11 0.43 9.80
N GLN A 199 -19.78 1.61 9.34
CA GLN A 199 -20.64 2.74 9.57
C GLN A 199 -22.07 2.57 9.08
N GLY A 200 -22.25 1.88 7.96
CA GLY A 200 -23.59 1.69 7.43
C GLY A 200 -24.41 0.60 8.12
N LEU A 201 -23.85 -0.04 9.14
CA LEU A 201 -24.58 -1.09 9.79
C LEU A 201 -24.96 -0.60 11.17
N SER A 202 -26.28 -0.62 11.44
CA SER A 202 -26.80 -0.20 12.74
C SER A 202 -25.98 -0.86 13.86
N SER A 203 -25.75 -2.16 13.77
CA SER A 203 -24.94 -2.84 14.77
C SER A 203 -24.21 -3.88 13.94
N PRO A 204 -23.18 -4.53 14.51
CA PRO A 204 -22.38 -5.55 13.84
C PRO A 204 -23.18 -6.70 13.26
N VAL A 205 -22.80 -7.13 12.08
CA VAL A 205 -23.50 -8.22 11.48
C VAL A 205 -22.56 -9.44 11.56
N THR A 206 -23.12 -10.60 11.85
CA THR A 206 -22.32 -11.79 11.87
C THR A 206 -22.84 -12.83 10.86
N LYS A 207 -21.92 -13.39 10.07
CA LYS A 207 -22.25 -14.45 9.12
C LYS A 207 -21.45 -15.62 9.60
N SER A 208 -22.10 -16.78 9.70
CA SER A 208 -21.41 -17.97 10.14
C SER A 208 -22.00 -19.26 9.65
N PHE A 209 -21.28 -20.34 9.97
CA PHE A 209 -21.67 -21.68 9.65
C PHE A 209 -21.12 -22.65 10.69
N ASN A 210 -21.73 -23.84 10.76
CA ASN A 210 -21.24 -24.85 11.67
C ASN A 210 -20.52 -25.83 10.79
N ARG A 211 -19.28 -26.13 11.12
CA ARG A 211 -18.48 -27.05 10.34
C ARG A 211 -19.14 -28.43 10.28
N GLY A 212 -19.02 -29.06 9.12
CA GLY A 212 -19.55 -30.39 8.95
C GLY A 212 -21.07 -30.51 8.95
N GLU A 213 -21.78 -29.45 9.28
CA GLU A 213 -23.22 -29.57 9.27
C GLU A 213 -23.59 -29.86 7.82
N CYS A 214 -24.50 -30.95 7.19
CA CYS A 214 -24.86 -31.32 5.82
C CYS A 214 -26.34 -31.58 5.61
N ARG B 1 16.22 19.32 -16.85
CA ARG B 1 15.29 18.25 -16.36
C ARG B 1 16.05 17.17 -15.57
N ILE B 2 15.58 17.00 -14.34
CA ILE B 2 16.15 16.03 -13.45
C ILE B 2 15.35 14.74 -13.48
N THR B 3 16.03 13.63 -13.63
CA THR B 3 15.31 12.39 -13.57
C THR B 3 16.18 11.40 -12.75
N LEU B 4 15.54 10.50 -12.02
CA LEU B 4 16.22 9.46 -11.25
C LEU B 4 15.52 8.17 -11.53
N LYS B 5 16.29 7.07 -11.44
CA LYS B 5 15.75 5.73 -11.63
C LYS B 5 16.49 4.68 -10.78
N GLU B 6 15.69 3.89 -10.07
CA GLU B 6 16.21 2.86 -9.20
C GLU B 6 16.40 1.52 -9.93
N SER B 7 17.45 0.77 -9.57
CA SER B 7 17.62 -0.55 -10.15
C SER B 7 18.20 -1.49 -9.08
N GLY B 8 17.96 -2.79 -9.21
CA GLY B 8 18.45 -3.80 -8.28
C GLY B 8 17.61 -5.06 -8.43
N PRO B 9 17.77 -6.06 -7.57
CA PRO B 9 17.01 -7.28 -7.67
C PRO B 9 15.55 -7.16 -7.20
N PRO B 10 14.58 -7.73 -7.96
CA PRO B 10 13.20 -7.62 -7.53
C PRO B 10 12.89 -8.56 -6.39
N LEU B 11 13.70 -9.60 -6.31
CA LEU B 11 13.49 -10.61 -5.29
C LEU B 11 14.72 -10.85 -4.48
N VAL B 12 14.58 -10.95 -3.17
CA VAL B 12 15.72 -11.24 -2.34
C VAL B 12 15.30 -12.12 -1.21
N LYS B 13 16.20 -13.00 -0.79
CA LYS B 13 15.90 -13.93 0.31
C LYS B 13 16.35 -13.40 1.66
N PRO B 14 15.63 -13.76 2.72
CA PRO B 14 15.92 -13.37 4.08
C PRO B 14 17.37 -13.67 4.37
N THR B 15 17.96 -12.84 5.23
CA THR B 15 19.35 -12.79 5.68
C THR B 15 20.27 -12.25 4.60
N GLN B 16 19.80 -12.22 3.35
CA GLN B 16 20.68 -11.72 2.31
C GLN B 16 20.89 -10.21 2.33
N THR B 17 21.84 -9.77 1.50
CA THR B 17 22.18 -8.38 1.36
C THR B 17 21.58 -7.81 0.06
N LEU B 18 20.93 -6.66 0.22
CA LEU B 18 20.28 -5.96 -0.87
C LEU B 18 21.02 -4.70 -1.22
N THR B 19 21.40 -4.59 -2.49
CA THR B 19 22.11 -3.45 -3.03
C THR B 19 21.20 -2.80 -4.09
N LEU B 20 20.88 -1.53 -3.86
CA LEU B 20 20.01 -0.77 -4.74
C LEU B 20 20.83 0.38 -5.30
N THR B 21 20.67 0.63 -6.61
CA THR B 21 21.36 1.69 -7.28
C THR B 21 20.38 2.77 -7.82
N CYS B 22 20.73 4.04 -7.59
CA CYS B 22 19.96 5.14 -8.08
C CYS B 22 20.83 5.78 -9.12
N SER B 23 20.42 5.77 -10.39
CA SER B 23 21.22 6.41 -11.48
C SER B 23 20.42 7.65 -11.82
N PHE B 24 21.06 8.81 -11.96
CA PHE B 24 20.31 10.02 -12.23
C PHE B 24 20.95 10.86 -13.35
N SER B 25 20.23 11.88 -13.84
CA SER B 25 20.77 12.79 -14.86
C SER B 25 20.14 14.17 -14.57
N GLY B 26 20.73 15.25 -15.09
CA GLY B 26 20.21 16.59 -14.82
C GLY B 26 20.90 17.33 -13.66
N PHE B 27 21.75 16.64 -12.89
CA PHE B 27 22.44 17.33 -11.81
C PHE B 27 23.69 16.49 -11.50
N SER B 28 24.60 17.03 -10.74
CA SER B 28 25.77 16.27 -10.43
C SER B 28 25.86 16.18 -8.92
N LEU B 29 26.37 15.09 -8.37
CA LEU B 29 26.50 15.04 -6.93
C LEU B 29 27.73 15.80 -6.53
N SER B 30 28.23 16.63 -7.43
CA SER B 30 29.33 17.48 -7.07
C SER B 30 28.73 18.91 -7.05
N ASP B 31 27.44 19.05 -7.36
CA ASP B 31 26.88 20.41 -7.33
C ASP B 31 26.74 20.82 -5.86
N PHE B 32 26.82 22.12 -5.59
CA PHE B 32 26.74 22.62 -4.24
C PHE B 32 25.53 22.21 -3.42
N GLY B 33 25.78 21.63 -2.25
CA GLY B 33 24.76 21.20 -1.31
C GLY B 33 23.70 20.22 -1.76
N VAL B 34 23.84 19.65 -2.96
CA VAL B 34 22.81 18.71 -3.40
C VAL B 34 22.79 17.41 -2.57
N GLY B 35 21.60 16.80 -2.44
CA GLY B 35 21.44 15.55 -1.75
C GLY B 35 20.64 14.54 -2.57
N VAL B 36 20.83 13.27 -2.26
CA VAL B 36 20.08 12.20 -2.88
C VAL B 36 19.69 11.34 -1.65
N GLY B 37 18.41 11.02 -1.50
CA GLY B 37 17.96 10.25 -0.35
C GLY B 37 17.20 9.04 -0.86
N TRP B 38 16.86 8.13 0.05
CA TRP B 38 16.15 6.92 -0.25
C TRP B 38 14.97 6.87 0.70
N ILE B 39 13.81 6.48 0.18
CA ILE B 39 12.59 6.39 0.96
C ILE B 39 11.89 5.06 0.54
N ARG B 40 11.22 4.37 1.44
CA ARG B 40 10.61 3.10 1.01
C ARG B 40 9.14 3.13 1.36
N GLN B 41 8.38 2.23 0.78
CA GLN B 41 6.94 2.20 1.02
C GLN B 41 6.45 0.75 0.97
N PRO B 42 6.23 0.11 2.11
CA PRO B 42 5.73 -1.28 2.11
C PRO B 42 4.32 -1.26 1.46
N PRO B 43 3.90 -2.34 0.79
CA PRO B 43 2.56 -2.25 0.18
C PRO B 43 1.43 -1.81 1.11
N GLY B 44 0.64 -0.85 0.66
CA GLY B 44 -0.45 -0.33 1.46
C GLY B 44 -0.04 0.54 2.63
N LYS B 45 1.26 0.69 2.89
CA LYS B 45 1.69 1.52 4.03
C LYS B 45 2.17 2.97 3.66
N ALA B 46 2.59 3.69 4.68
CA ALA B 46 3.09 5.06 4.59
C ALA B 46 4.54 5.11 4.09
N LEU B 47 5.01 6.29 3.72
CA LEU B 47 6.39 6.44 3.28
C LEU B 47 7.28 6.37 4.49
N GLU B 48 8.46 5.79 4.32
CA GLU B 48 9.41 5.70 5.42
C GLU B 48 10.81 6.16 4.95
N TRP B 49 11.35 7.17 5.62
CA TRP B 49 12.64 7.73 5.25
C TRP B 49 13.75 6.77 5.64
N LEU B 50 14.73 6.57 4.74
CA LEU B 50 15.84 5.65 5.02
C LEU B 50 17.23 6.27 5.21
N ALA B 51 17.59 7.19 4.32
CA ALA B 51 18.92 7.76 4.39
C ALA B 51 19.11 8.85 3.34
N ILE B 52 20.18 9.60 3.46
CA ILE B 52 20.43 10.60 2.43
C ILE B 52 21.92 10.84 2.41
N ILE B 53 22.42 11.25 1.25
CA ILE B 53 23.85 11.57 1.12
C ILE B 53 23.97 12.88 0.34
N TYR B 54 24.89 13.73 0.76
CA TYR B 54 25.10 15.04 0.08
C TYR B 54 26.38 15.05 -0.73
N SER B 55 26.49 16.01 -1.64
CA SER B 55 27.67 16.13 -2.46
C SER B 55 28.98 16.36 -1.66
N ASP B 56 28.93 16.96 -0.47
CA ASP B 56 30.15 17.11 0.34
C ASP B 56 30.41 15.80 1.11
N ASP B 57 29.63 14.77 0.79
CA ASP B 57 29.75 13.44 1.34
C ASP B 57 29.30 13.17 2.79
N ASP B 58 28.50 14.05 3.37
CA ASP B 58 27.94 13.85 4.73
C ASP B 58 26.87 12.78 4.46
N LYS B 59 26.69 11.85 5.39
CA LYS B 59 25.71 10.75 5.26
C LYS B 59 24.84 10.71 6.52
N ARG B 60 23.56 10.37 6.38
CA ARG B 60 22.70 10.28 7.57
C ARG B 60 21.74 9.10 7.31
N TYR B 61 21.41 8.41 8.39
CA TYR B 61 20.58 7.23 8.31
C TYR B 61 19.46 7.22 9.30
N SER B 62 18.41 6.53 8.92
CA SER B 62 17.31 6.30 9.80
C SER B 62 17.91 5.59 11.05
N PRO B 63 17.59 6.06 12.25
CA PRO B 63 18.15 5.40 13.46
C PRO B 63 17.68 3.94 13.61
N SER B 64 16.44 3.66 13.25
CA SER B 64 15.92 2.31 13.31
C SER B 64 16.62 1.32 12.36
N LEU B 65 17.28 1.80 11.30
CA LEU B 65 17.90 0.88 10.34
C LEU B 65 19.42 1.11 10.20
N ASN B 66 19.91 2.04 10.99
CA ASN B 66 21.30 2.42 10.94
C ASN B 66 22.27 1.25 10.79
N THR B 67 22.17 0.24 11.65
CA THR B 67 23.09 -0.89 11.56
C THR B 67 23.05 -1.70 10.27
N ARG B 68 21.94 -1.65 9.53
CA ARG B 68 21.87 -2.45 8.31
C ARG B 68 22.07 -1.62 7.00
N LEU B 69 22.17 -0.29 7.11
CA LEU B 69 22.32 0.52 5.91
C LEU B 69 23.67 1.14 5.67
N THR B 70 24.06 1.16 4.39
CA THR B 70 25.26 1.87 3.99
C THR B 70 24.86 2.68 2.74
N ILE B 71 25.13 3.98 2.70
CA ILE B 71 24.80 4.69 1.49
C ILE B 71 26.12 5.23 0.97
N THR B 72 26.30 5.24 -0.34
CA THR B 72 27.55 5.71 -0.89
C THR B 72 27.32 6.40 -2.22
N LYS B 73 28.25 7.21 -2.69
CA LYS B 73 28.00 7.79 -3.99
C LYS B 73 29.10 7.54 -4.97
N ASP B 74 28.78 7.57 -6.26
CA ASP B 74 29.82 7.45 -7.26
C ASP B 74 29.55 8.63 -8.21
N THR B 75 30.19 9.74 -7.87
CA THR B 75 30.00 11.01 -8.52
C THR B 75 30.22 10.99 -9.99
N SER B 76 31.29 10.29 -10.42
CA SER B 76 31.61 10.23 -11.84
C SER B 76 30.63 9.36 -12.61
N LYS B 77 29.94 8.42 -11.95
CA LYS B 77 28.94 7.62 -12.67
C LYS B 77 27.50 8.15 -12.46
N ASN B 78 27.37 9.25 -11.70
CA ASN B 78 26.05 9.79 -11.36
C ASN B 78 25.17 8.71 -10.74
N GLN B 79 25.70 8.05 -9.73
CA GLN B 79 24.91 7.04 -9.05
C GLN B 79 25.10 7.12 -7.56
N VAL B 80 24.05 6.66 -6.86
CA VAL B 80 24.06 6.61 -5.39
C VAL B 80 23.61 5.21 -5.11
N VAL B 81 24.35 4.54 -4.23
CA VAL B 81 24.04 3.16 -3.90
C VAL B 81 23.67 3.06 -2.42
N LEU B 82 22.66 2.25 -2.15
CA LEU B 82 22.20 2.00 -0.81
C LEU B 82 22.29 0.47 -0.65
N VAL B 83 23.02 0.05 0.37
CA VAL B 83 23.20 -1.35 0.69
C VAL B 83 22.51 -1.67 2.01
N MET B 84 21.57 -2.61 1.99
CA MET B 84 20.88 -3.02 3.19
C MET B 84 21.23 -4.48 3.47
N THR B 85 21.75 -4.75 4.66
CA THR B 85 22.16 -6.11 4.99
C THR B 85 21.10 -6.81 5.76
N ARG B 86 21.24 -8.13 5.85
CA ARG B 86 20.33 -8.93 6.67
C ARG B 86 18.85 -8.60 6.48
N VAL B 87 18.39 -8.64 5.25
CA VAL B 87 16.98 -8.32 5.07
C VAL B 87 16.08 -9.41 5.58
N SER B 88 14.86 -9.01 5.90
CA SER B 88 13.86 -9.95 6.35
C SER B 88 12.56 -9.61 5.58
N PRO B 89 11.52 -10.45 5.69
CA PRO B 89 10.27 -10.15 4.97
C PRO B 89 9.68 -8.74 5.14
N VAL B 90 9.77 -8.15 6.33
CA VAL B 90 9.23 -6.79 6.54
C VAL B 90 9.94 -5.72 5.71
N ASP B 91 11.06 -6.08 5.07
CA ASP B 91 11.74 -5.15 4.22
C ASP B 91 11.10 -5.17 2.80
N THR B 92 10.03 -5.96 2.58
CA THR B 92 9.48 -5.91 1.23
C THR B 92 8.78 -4.56 1.10
N ALA B 93 9.11 -3.84 0.05
CA ALA B 93 8.56 -2.50 -0.13
C ALA B 93 8.95 -1.99 -1.50
N THR B 94 8.36 -0.88 -1.88
CA THR B 94 8.80 -0.21 -3.09
C THR B 94 9.84 0.82 -2.54
N TYR B 95 11.03 0.83 -3.13
CA TYR B 95 12.14 1.71 -2.73
C TYR B 95 12.31 2.84 -3.72
N PHE B 96 12.30 4.11 -3.26
CA PHE B 96 12.47 5.27 -4.14
C PHE B 96 13.74 6.05 -3.77
N CYS B 97 14.45 6.59 -4.76
CA CYS B 97 15.55 7.51 -4.45
C CYS B 97 15.00 8.89 -4.86
N ALA B 98 15.55 9.95 -4.32
CA ALA B 98 15.01 11.25 -4.64
C ALA B 98 16.09 12.34 -4.48
N HIS B 99 15.91 13.42 -5.25
CA HIS B 99 16.76 14.55 -5.25
C HIS B 99 16.33 15.55 -4.23
N ARG B 100 17.32 16.17 -3.62
CA ARG B 100 17.13 17.24 -2.66
C ARG B 100 17.99 18.41 -3.14
N ARG B 101 17.37 19.55 -3.36
CA ARG B 101 18.08 20.74 -3.81
C ARG B 101 19.02 21.24 -2.73
N GLY B 102 20.07 21.93 -3.16
CA GLY B 102 20.99 22.58 -2.22
C GLY B 102 20.54 24.06 -2.16
N PRO B 103 21.07 24.92 -1.27
CA PRO B 103 20.61 26.32 -1.24
C PRO B 103 20.81 27.06 -2.55
N THR B 104 19.93 28.00 -2.83
CA THR B 104 20.12 28.80 -4.03
C THR B 104 21.36 29.69 -3.78
N THR B 105 22.15 29.91 -4.82
CA THR B 105 23.32 30.77 -4.74
C THR B 105 23.22 31.96 -5.72
N LEU B 106 23.90 33.04 -5.38
CA LEU B 106 23.90 34.21 -6.26
C LEU B 106 25.38 34.52 -6.32
N PHE B 107 25.90 34.45 -7.54
CA PHE B 107 27.33 34.66 -7.79
C PHE B 107 28.04 33.76 -6.76
N GLY B 108 27.64 32.49 -6.73
CA GLY B 108 28.25 31.53 -5.83
C GLY B 108 28.23 31.95 -4.38
N VAL B 109 27.11 32.51 -3.96
CA VAL B 109 26.94 32.87 -2.57
C VAL B 109 25.57 32.35 -2.16
N PRO B 110 25.51 31.51 -1.13
CA PRO B 110 24.25 30.94 -0.66
C PRO B 110 23.39 32.08 -0.13
N ILE B 111 22.17 32.21 -0.66
CA ILE B 111 21.25 33.27 -0.26
C ILE B 111 19.87 32.78 0.13
N ALA B 112 19.51 31.56 -0.28
CA ALA B 112 18.20 31.00 0.10
C ALA B 112 18.25 29.53 0.46
N ARG B 113 17.86 29.21 1.70
CA ARG B 113 17.84 27.81 2.08
C ARG B 113 16.44 27.16 1.99
N GLY B 114 15.39 27.97 1.77
CA GLY B 114 14.07 27.42 1.64
C GLY B 114 14.00 26.28 0.60
N PRO B 115 14.70 26.36 -0.54
CA PRO B 115 14.56 25.22 -1.47
C PRO B 115 15.06 23.85 -1.00
N VAL B 116 15.82 23.78 0.09
CA VAL B 116 16.26 22.47 0.54
C VAL B 116 15.19 21.78 1.32
N ASN B 117 14.10 22.49 1.65
CA ASN B 117 13.09 21.83 2.47
C ASN B 117 12.02 21.04 1.71
N ALA B 118 12.46 19.97 1.06
CA ALA B 118 11.61 19.03 0.30
C ALA B 118 12.53 18.08 -0.47
N MET B 119 11.98 16.94 -0.92
CA MET B 119 12.73 16.08 -1.83
C MET B 119 11.88 16.41 -3.07
N ASP B 120 12.46 17.17 -4.01
CA ASP B 120 11.72 17.69 -5.19
C ASP B 120 11.48 16.83 -6.43
N VAL B 121 12.33 15.83 -6.66
CA VAL B 121 12.15 14.94 -7.81
C VAL B 121 12.42 13.52 -7.35
N TRP B 122 11.49 12.64 -7.73
CA TRP B 122 11.55 11.24 -7.33
C TRP B 122 11.72 10.26 -8.46
N GLY B 123 12.29 9.09 -8.19
CA GLY B 123 12.39 8.09 -9.23
C GLY B 123 11.05 7.33 -9.20
N GLN B 124 10.78 6.56 -10.24
CA GLN B 124 9.53 5.77 -10.32
C GLN B 124 9.40 4.78 -9.13
N GLY B 125 10.51 4.29 -8.59
CA GLY B 125 10.43 3.34 -7.48
C GLY B 125 10.69 1.93 -7.98
N ILE B 126 11.33 1.13 -7.15
CA ILE B 126 11.57 -0.24 -7.54
C ILE B 126 11.00 -1.17 -6.46
N THR B 127 10.20 -2.10 -6.90
CA THR B 127 9.53 -3.05 -6.00
C THR B 127 10.44 -4.20 -5.63
N VAL B 128 10.65 -4.39 -4.33
CA VAL B 128 11.49 -5.47 -3.86
C VAL B 128 10.70 -6.39 -2.90
N THR B 129 10.76 -7.67 -3.20
CA THR B 129 10.06 -8.67 -2.39
C THR B 129 11.07 -9.53 -1.64
N ILE B 130 10.90 -9.66 -0.34
CA ILE B 130 11.82 -10.51 0.41
C ILE B 130 11.09 -11.77 0.86
N SER B 131 11.51 -12.89 0.27
CA SER B 131 10.92 -14.19 0.55
C SER B 131 11.93 -15.30 0.23
N SER B 132 11.89 -16.36 1.04
CA SER B 132 12.80 -17.47 0.78
C SER B 132 12.14 -18.41 -0.22
N THR B 133 10.94 -18.30 -1.19
CA THR B 133 10.25 -19.19 -2.12
C THR B 133 10.82 -19.39 -3.52
N SER B 134 10.64 -20.45 -3.70
CA SER B 134 11.02 -20.77 -5.08
C SER B 134 9.74 -20.58 -5.90
N THR B 135 9.91 -20.40 -7.21
CA THR B 135 8.75 -20.29 -8.08
C THR B 135 7.77 -21.45 -7.79
N LYS B 136 6.48 -21.14 -7.73
CA LYS B 136 5.47 -22.16 -7.45
C LYS B 136 4.05 -21.78 -7.91
N GLY B 137 3.38 -22.72 -8.58
CA GLY B 137 2.03 -22.46 -9.05
C GLY B 137 0.97 -22.56 -7.94
N PRO B 138 -0.15 -21.81 -8.09
CA PRO B 138 -1.25 -21.78 -7.11
C PRO B 138 -2.13 -23.04 -7.11
N SER B 139 -2.77 -23.27 -5.96
CA SER B 139 -3.75 -24.33 -5.84
C SER B 139 -5.02 -23.47 -5.99
N VAL B 140 -6.02 -23.94 -6.72
CA VAL B 140 -7.20 -23.13 -6.85
C VAL B 140 -8.38 -23.81 -6.20
N PHE B 141 -9.03 -23.14 -5.26
CA PHE B 141 -10.16 -23.76 -4.59
C PHE B 141 -11.41 -22.97 -4.80
N PRO B 142 -12.58 -23.63 -4.74
CA PRO B 142 -13.86 -22.92 -4.95
C PRO B 142 -14.32 -22.17 -3.74
N LEU B 143 -15.01 -21.08 -3.96
CA LEU B 143 -15.60 -20.28 -2.87
C LEU B 143 -17.09 -20.33 -3.27
N ALA B 144 -17.87 -21.10 -2.54
CA ALA B 144 -19.30 -21.22 -2.87
C ALA B 144 -20.21 -20.84 -1.72
N PRO B 145 -21.34 -20.19 -2.07
CA PRO B 145 -22.41 -19.70 -1.16
C PRO B 145 -22.96 -20.75 -0.11
N GLY B 152 -30.20 -6.49 -4.02
CA GLY B 152 -29.77 -6.72 -2.64
C GLY B 152 -29.60 -8.20 -2.32
N ALA B 153 -30.48 -9.01 -2.92
CA ALA B 153 -30.54 -10.49 -2.83
C ALA B 153 -29.56 -11.05 -3.88
N ALA B 154 -28.32 -10.59 -3.71
CA ALA B 154 -27.22 -10.96 -4.55
C ALA B 154 -26.61 -12.20 -3.92
N ALA B 155 -26.00 -13.04 -4.74
CA ALA B 155 -25.33 -14.25 -4.26
C ALA B 155 -23.85 -14.05 -4.63
N ALA B 156 -22.94 -14.69 -3.89
CA ALA B 156 -21.52 -14.52 -4.20
C ALA B 156 -20.76 -15.82 -4.34
N LEU B 157 -19.80 -15.84 -5.24
CA LEU B 157 -18.98 -17.03 -5.31
C LEU B 157 -17.61 -16.61 -5.82
N GLY B 158 -16.65 -17.52 -5.78
CA GLY B 158 -15.35 -17.12 -6.25
C GLY B 158 -14.36 -18.26 -6.28
N CYS B 159 -13.10 -17.87 -6.35
CA CYS B 159 -11.98 -18.81 -6.37
C CYS B 159 -10.89 -18.21 -5.46
N LEU B 160 -10.22 -19.08 -4.73
CA LEU B 160 -9.18 -18.76 -3.76
C LEU B 160 -7.96 -19.30 -4.43
N VAL B 161 -7.10 -18.38 -4.85
CA VAL B 161 -5.88 -18.72 -5.56
C VAL B 161 -4.78 -18.77 -4.52
N LYS B 162 -4.49 -19.96 -4.02
CA LYS B 162 -3.58 -20.11 -2.92
C LYS B 162 -2.16 -20.65 -3.08
N ASP B 163 -1.22 -20.06 -2.35
CA ASP B 163 0.16 -20.52 -2.31
C ASP B 163 0.98 -20.50 -3.59
N TYR B 164 1.13 -19.32 -4.17
CA TYR B 164 1.90 -19.26 -5.38
C TYR B 164 3.00 -18.22 -5.20
N PHE B 165 4.00 -18.28 -6.08
CA PHE B 165 5.12 -17.35 -6.08
C PHE B 165 5.86 -17.39 -7.40
N PRO B 166 6.28 -16.22 -7.91
CA PRO B 166 6.09 -14.89 -7.31
C PRO B 166 4.84 -14.28 -7.92
N GLU B 167 4.61 -12.99 -7.70
CA GLU B 167 3.51 -12.29 -8.38
C GLU B 167 3.96 -12.20 -9.86
N PRO B 168 3.02 -12.00 -10.78
CA PRO B 168 1.60 -11.86 -10.57
C PRO B 168 0.86 -13.08 -11.02
N VAL B 169 -0.45 -13.05 -10.83
CA VAL B 169 -1.29 -14.09 -11.36
C VAL B 169 -2.46 -13.34 -12.05
N THR B 170 -3.06 -13.93 -13.10
CA THR B 170 -4.21 -13.27 -13.72
C THR B 170 -5.45 -14.15 -13.52
N VAL B 171 -6.58 -13.51 -13.27
CA VAL B 171 -7.82 -14.23 -13.09
C VAL B 171 -8.90 -13.54 -13.90
N SER B 172 -9.71 -14.32 -14.62
CA SER B 172 -10.83 -13.76 -15.32
C SER B 172 -11.99 -14.73 -15.02
N TRP B 173 -13.22 -14.34 -15.36
CA TRP B 173 -14.38 -15.19 -15.20
C TRP B 173 -14.99 -15.47 -16.61
N ASN B 174 -15.45 -16.71 -16.81
CA ASN B 174 -16.02 -17.17 -18.06
C ASN B 174 -15.23 -16.70 -19.25
N SER B 175 -13.96 -17.07 -19.25
CA SER B 175 -13.04 -16.74 -20.32
C SER B 175 -13.02 -15.29 -20.72
N GLY B 176 -13.41 -14.41 -19.80
CA GLY B 176 -13.41 -12.99 -20.10
C GLY B 176 -14.77 -12.38 -20.34
N ALA B 177 -15.82 -13.21 -20.41
CA ALA B 177 -17.17 -12.71 -20.66
C ALA B 177 -17.90 -12.20 -19.44
N LEU B 178 -17.42 -12.61 -18.26
CA LEU B 178 -18.06 -12.15 -17.05
C LEU B 178 -17.16 -11.07 -16.46
N THR B 179 -17.70 -9.87 -16.37
CA THR B 179 -16.98 -8.73 -15.80
C THR B 179 -17.78 -7.96 -14.75
N SER B 180 -19.09 -7.83 -14.96
CA SER B 180 -19.81 -7.05 -13.97
C SER B 180 -19.92 -7.82 -12.66
N GLY B 181 -19.64 -7.13 -11.55
CA GLY B 181 -19.72 -7.77 -10.24
C GLY B 181 -18.46 -8.57 -9.87
N VAL B 182 -17.43 -8.49 -10.69
CA VAL B 182 -16.20 -9.21 -10.41
C VAL B 182 -15.25 -8.35 -9.55
N HIS B 183 -14.70 -8.93 -8.50
CA HIS B 183 -13.70 -8.24 -7.68
C HIS B 183 -12.55 -9.20 -7.46
N THR B 184 -11.39 -8.85 -8.01
CA THR B 184 -10.20 -9.66 -7.82
C THR B 184 -9.34 -8.84 -6.83
N PHE B 185 -9.16 -9.33 -5.62
CA PHE B 185 -8.39 -8.63 -4.62
C PHE B 185 -6.89 -8.71 -4.77
N PRO B 186 -6.17 -7.71 -4.22
CA PRO B 186 -4.71 -7.76 -4.31
C PRO B 186 -4.29 -8.92 -3.40
N ALA B 187 -3.28 -9.62 -3.81
CA ALA B 187 -2.71 -10.78 -3.08
C ALA B 187 -2.05 -10.30 -1.80
N VAL B 188 -2.00 -11.18 -0.82
CA VAL B 188 -1.33 -10.92 0.44
C VAL B 188 -0.14 -11.90 0.42
N LEU B 189 0.99 -11.48 1.00
CA LEU B 189 2.18 -12.29 1.07
C LEU B 189 2.03 -12.95 2.42
N GLN B 190 1.85 -14.29 2.44
CA GLN B 190 1.68 -15.02 3.69
C GLN B 190 3.00 -15.19 4.43
N SER B 191 2.93 -15.51 5.72
CA SER B 191 4.15 -15.66 6.48
C SER B 191 4.98 -16.79 5.90
N SER B 192 4.35 -17.68 5.14
CA SER B 192 5.09 -18.77 4.51
C SER B 192 5.99 -18.25 3.37
N GLY B 193 5.71 -17.05 2.86
CA GLY B 193 6.51 -16.50 1.74
C GLY B 193 5.85 -16.72 0.37
N LEU B 194 4.61 -17.20 0.42
CA LEU B 194 3.84 -17.47 -0.78
C LEU B 194 2.66 -16.52 -0.82
N TYR B 195 2.21 -16.17 -1.98
CA TYR B 195 1.10 -15.26 -2.04
C TYR B 195 -0.25 -16.00 -2.02
N SER B 196 -1.31 -15.25 -1.79
CA SER B 196 -2.63 -15.83 -1.84
C SER B 196 -3.60 -14.73 -2.13
N LEU B 197 -4.58 -15.03 -2.98
CA LEU B 197 -5.61 -14.07 -3.34
C LEU B 197 -6.96 -14.70 -3.62
N SER B 198 -7.99 -13.88 -3.50
CA SER B 198 -9.31 -14.37 -3.79
C SER B 198 -9.80 -13.51 -4.94
N SER B 199 -10.73 -14.05 -5.72
CA SER B 199 -11.39 -13.35 -6.81
C SER B 199 -12.84 -13.76 -6.64
N VAL B 200 -13.76 -12.82 -6.49
CA VAL B 200 -15.13 -13.22 -6.31
C VAL B 200 -16.01 -12.54 -7.35
N VAL B 201 -17.26 -12.97 -7.43
CA VAL B 201 -18.21 -12.34 -8.31
C VAL B 201 -19.60 -12.44 -7.70
N THR B 202 -20.33 -11.35 -7.78
CA THR B 202 -21.69 -11.23 -7.24
C THR B 202 -22.68 -11.25 -8.43
N VAL B 203 -23.77 -12.02 -8.28
CA VAL B 203 -24.75 -12.12 -9.35
C VAL B 203 -26.14 -12.17 -8.75
N PRO B 204 -27.19 -11.88 -9.58
CA PRO B 204 -28.57 -11.92 -9.06
C PRO B 204 -28.80 -13.34 -8.54
N SER B 205 -29.31 -13.44 -7.32
CA SER B 205 -29.50 -14.77 -6.71
C SER B 205 -30.24 -15.79 -7.56
N SER B 206 -30.60 -15.38 -8.78
CA SER B 206 -31.31 -16.24 -9.71
C SER B 206 -30.33 -16.85 -10.74
N SER B 207 -29.33 -16.06 -11.15
CA SER B 207 -28.40 -16.54 -12.18
C SER B 207 -27.79 -17.88 -11.86
N LEU B 208 -27.72 -18.20 -10.58
CA LEU B 208 -27.16 -19.47 -10.16
C LEU B 208 -27.76 -20.67 -10.89
N GLN B 211 -27.25 -20.00 -15.60
CA GLN B 211 -25.87 -19.53 -15.89
C GLN B 211 -24.66 -20.24 -15.17
N THR B 212 -23.55 -20.53 -15.86
CA THR B 212 -22.40 -21.17 -15.16
C THR B 212 -21.22 -20.21 -14.91
N TYR B 213 -20.45 -20.50 -13.86
CA TYR B 213 -19.32 -19.64 -13.46
C TYR B 213 -17.98 -20.37 -13.35
N THR B 214 -17.04 -19.96 -14.19
CA THR B 214 -15.76 -20.62 -14.13
C THR B 214 -14.63 -19.56 -14.03
N CYS B 215 -13.73 -19.69 -13.07
CA CYS B 215 -12.63 -18.70 -12.97
C CYS B 215 -11.49 -19.25 -13.78
N ASN B 216 -10.83 -18.40 -14.58
CA ASN B 216 -9.66 -18.83 -15.38
C ASN B 216 -8.48 -18.17 -14.70
N VAL B 217 -7.60 -19.01 -14.16
CA VAL B 217 -6.43 -18.57 -13.40
C VAL B 217 -5.17 -18.86 -14.17
N ASN B 218 -4.25 -17.92 -14.19
CA ASN B 218 -3.02 -18.16 -14.95
C ASN B 218 -1.82 -17.55 -14.23
N HIS B 219 -0.86 -18.39 -13.84
CA HIS B 219 0.34 -17.91 -13.17
C HIS B 219 1.49 -18.14 -14.18
N LYS B 220 1.81 -17.14 -15.00
CA LYS B 220 2.85 -17.28 -16.02
C LYS B 220 4.17 -17.83 -15.50
N PRO B 221 4.69 -17.26 -14.40
CA PRO B 221 5.94 -17.70 -13.81
C PRO B 221 6.15 -19.19 -13.71
N SER B 222 5.11 -19.93 -13.34
CA SER B 222 5.22 -21.40 -13.19
C SER B 222 4.54 -22.21 -14.29
N ASN B 223 4.03 -21.55 -15.32
CA ASN B 223 3.32 -22.22 -16.41
C ASN B 223 2.20 -23.01 -15.79
N THR B 224 1.29 -22.34 -15.08
CA THR B 224 0.16 -23.01 -14.46
C THR B 224 -1.15 -22.37 -14.86
N LYS B 225 -1.92 -22.99 -15.73
CA LYS B 225 -3.24 -22.45 -16.08
C LYS B 225 -4.28 -23.39 -15.48
N VAL B 226 -5.36 -22.84 -14.94
CA VAL B 226 -6.37 -23.64 -14.33
C VAL B 226 -7.71 -22.99 -14.62
N ASP B 227 -8.72 -23.78 -14.94
CA ASP B 227 -10.07 -23.23 -15.11
C ASP B 227 -10.82 -24.01 -14.05
N LYS B 228 -11.53 -23.31 -13.17
CA LYS B 228 -12.29 -23.97 -12.12
C LYS B 228 -13.71 -23.50 -12.13
N ARG B 229 -14.61 -24.41 -12.43
CA ARG B 229 -16.04 -24.09 -12.47
C ARG B 229 -16.50 -24.19 -11.02
N VAL B 230 -17.25 -23.20 -10.59
CA VAL B 230 -17.70 -23.12 -9.23
C VAL B 230 -19.23 -23.14 -9.18
N GLU B 231 -19.82 -23.97 -8.37
CA GLU B 231 -21.28 -23.92 -8.30
C GLU B 231 -21.78 -24.01 -6.88
N PRO B 232 -23.08 -23.75 -6.69
CA PRO B 232 -23.73 -23.80 -5.37
C PRO B 232 -23.82 -25.19 -4.73
N LYS B 233 -22.67 -25.79 -4.40
CA LYS B 233 -22.53 -27.15 -3.78
C LYS B 233 -23.77 -28.08 -3.72
N SER B 234 -23.98 -28.78 -2.60
CA SER B 234 -25.13 -29.69 -2.41
C SER B 234 -25.41 -30.65 -3.60
N CYS B 235 -24.36 -31.24 -4.23
CA CYS B 235 -24.37 -32.21 -5.40
C CYS B 235 -24.80 -31.61 -6.79
N GLU C 1 19.26 14.46 15.45
CA GLU C 1 19.96 15.78 15.48
C GLU C 1 19.37 16.69 14.41
N LEU C 2 19.81 17.95 14.40
CA LEU C 2 19.30 18.94 13.44
C LEU C 2 19.70 18.65 11.99
N ASP C 3 18.83 19.03 11.05
CA ASP C 3 19.08 18.84 9.63
C ASP C 3 20.36 19.57 9.20
N LYS C 4 20.89 19.20 8.05
CA LYS C 4 22.11 19.82 7.53
C LYS C 4 22.00 21.33 7.41
N PHE C 5 20.78 21.86 7.10
CA PHE C 5 20.65 23.28 6.83
C PHE C 5 19.94 23.98 7.98
N ALA C 6 19.73 23.38 9.13
CA ALA C 6 19.08 24.03 10.27
C ALA C 6 19.99 25.02 10.98
N SER C 7 19.37 25.97 11.67
CA SER C 7 20.06 27.02 12.44
C SER C 7 20.63 28.12 11.54
#